data_6LN0
#
_entry.id   6LN0
#
_cell.length_a   139.922
_cell.length_b   71.348
_cell.length_c   64.433
_cell.angle_alpha   90.000
_cell.angle_beta   92.260
_cell.angle_gamma   90.000
#
_symmetry.space_group_name_H-M   'C 1 2 1'
#
loop_
_entity.id
_entity.type
_entity.pdbx_description
1 polymer 'Non-structural protein 3'
2 non-polymer 'ZINC ION'
3 water water
#
_entity_poly.entity_id   1
_entity_poly.type   'polypeptide(L)'
_entity_poly.pdbx_seq_one_letter_code
;LPPEAIKQPSPTKVELVVGELASIKFDNSVLVNPANAQLTNGGGAARAIAKLAGPKYQEYCNSVAPISGPLTTDSFDAKK
LGVACILHVVPPKGSDPNVQELLYQAYKSILTEPAHYVIPILGAGIFGCNPVHSLDAFRKACPSDIGRVTLVTMNKNHLQ
VWDALNRTIVRTTTDYDQVTTKALTPQGVLEANLFDGEDFVQEPKPGQIYLEVTEEVQNQAKELDLNLQQYCVYLKTCHH
KWVVSRTNGLMHLKQKDNNCFVSAGVNLFQNTAYQFRPAIDALYREYLNGNPNRFVAWIYASTNRRVGEMGCPQQVISLL
VSNSDAAFSATTACCNTYFNHTGVISVAREYDPIQPKVYCMKCDVWTPFTPQSGKGAVAIGTSADEPTGPAIKFAAAHCW
YTNGKKTVNGYDTKANVVATYHRFDVPKPQLVEDVVALPTKNDFEHHHHHH
;
_entity_poly.pdbx_strand_id   A
#
loop_
_chem_comp.id
_chem_comp.type
_chem_comp.name
_chem_comp.formula
ZN non-polymer 'ZINC ION' 'Zn 2'
#
# COMPACT_ATOMS: atom_id res chain seq x y z
N LEU A 1 41.91 16.71 -10.09
CA LEU A 1 41.89 18.17 -10.04
C LEU A 1 42.05 18.98 -11.35
N PRO A 2 42.36 18.38 -12.50
CA PRO A 2 42.59 19.19 -13.71
C PRO A 2 41.35 19.99 -14.06
N PRO A 3 41.53 21.27 -14.42
CA PRO A 3 40.36 22.12 -14.63
C PRO A 3 39.47 21.68 -15.78
N GLU A 4 39.99 20.99 -16.79
CA GLU A 4 39.10 20.62 -17.88
C GLU A 4 38.16 19.48 -17.52
N ALA A 5 38.38 18.82 -16.38
CA ALA A 5 37.59 17.67 -15.96
C ALA A 5 36.37 18.04 -15.11
N ILE A 6 36.23 19.31 -14.77
CA ILE A 6 35.23 19.74 -13.80
C ILE A 6 33.88 19.88 -14.49
N LYS A 7 32.83 19.33 -13.87
CA LYS A 7 31.46 19.58 -14.29
C LYS A 7 30.64 19.98 -13.07
N GLN A 8 29.80 20.99 -13.22
CA GLN A 8 29.02 21.47 -12.09
C GLN A 8 28.03 20.40 -11.65
N PRO A 9 27.74 20.33 -10.34
CA PRO A 9 26.80 19.33 -9.81
C PRO A 9 25.57 19.03 -10.65
N SER A 10 25.13 17.78 -10.58
CA SER A 10 23.99 17.24 -11.30
C SER A 10 23.56 15.97 -10.59
N PRO A 11 22.28 15.64 -10.59
CA PRO A 11 21.85 14.39 -9.93
C PRO A 11 22.61 13.21 -10.52
N THR A 12 23.17 12.37 -9.64
CA THR A 12 24.00 11.27 -10.14
C THR A 12 23.16 10.24 -10.87
N LYS A 13 23.66 9.83 -12.03
CA LYS A 13 23.10 8.70 -12.78
C LYS A 13 24.26 7.76 -13.09
N VAL A 14 24.39 6.75 -12.24
CA VAL A 14 25.38 5.70 -12.38
C VAL A 14 25.05 4.84 -13.61
N GLU A 15 26.09 4.37 -14.30
CA GLU A 15 25.90 3.41 -15.37
C GLU A 15 26.98 2.33 -15.26
N LEU A 16 26.57 1.08 -15.44
CA LEU A 16 27.47 -0.06 -15.32
C LEU A 16 27.68 -0.62 -16.72
N VAL A 17 28.89 -0.43 -17.25
CA VAL A 17 29.18 -0.76 -18.64
C VAL A 17 29.97 -2.06 -18.71
N VAL A 18 29.78 -2.77 -19.82
CA VAL A 18 30.12 -4.17 -20.00
C VAL A 18 31.62 -4.42 -20.22
N GLY A 19 32.12 -4.12 -21.43
CA GLY A 19 33.43 -4.55 -21.88
C GLY A 19 34.62 -3.86 -21.24
N GLU A 20 35.75 -3.82 -21.96
CA GLU A 20 36.99 -3.33 -21.36
C GLU A 20 37.20 -1.84 -21.58
N LEU A 21 38.21 -1.30 -20.88
CA LEU A 21 38.34 0.14 -20.70
C LEU A 21 38.46 0.88 -22.02
N ALA A 22 39.25 0.35 -22.96
CA ALA A 22 39.39 0.96 -24.28
C ALA A 22 38.04 1.27 -24.93
N SER A 23 37.00 0.53 -24.55
CA SER A 23 35.67 0.71 -25.11
C SER A 23 34.97 1.99 -24.67
N ILE A 24 35.33 2.53 -23.50
CA ILE A 24 34.42 3.45 -22.82
C ILE A 24 34.28 4.74 -23.62
N LYS A 25 33.08 5.30 -23.56
CA LYS A 25 32.78 6.63 -24.07
C LYS A 25 33.27 7.68 -23.07
N PHE A 26 34.46 8.25 -23.30
CA PHE A 26 35.08 9.16 -22.35
C PHE A 26 34.61 10.61 -22.58
N ASP A 27 34.97 11.48 -21.62
CA ASP A 27 34.55 12.89 -21.60
C ASP A 27 35.33 13.66 -20.54
N ASN A 28 36.61 13.94 -20.81
CA ASN A 28 37.54 14.55 -19.84
C ASN A 28 37.47 13.83 -18.49
N SER A 29 37.51 12.51 -18.57
CA SER A 29 37.14 11.66 -17.46
C SER A 29 38.30 11.46 -16.52
N VAL A 30 37.96 11.13 -15.27
CA VAL A 30 38.93 10.61 -14.32
C VAL A 30 38.87 9.10 -14.42
N LEU A 31 39.93 8.50 -14.93
CA LEU A 31 39.99 7.05 -15.06
C LEU A 31 40.67 6.51 -13.82
N VAL A 32 39.95 5.67 -13.06
CA VAL A 32 40.51 5.09 -11.85
C VAL A 32 41.31 3.84 -12.19
N ASN A 33 42.47 3.73 -11.55
CA ASN A 33 43.40 2.61 -11.78
C ASN A 33 43.56 1.84 -10.47
N PRO A 34 43.05 0.64 -10.37
CA PRO A 34 43.19 -0.13 -9.13
C PRO A 34 44.56 -0.82 -9.09
N ALA A 35 45.43 -0.34 -8.21
CA ALA A 35 46.85 -0.51 -8.35
C ALA A 35 47.42 -1.10 -7.07
N ASN A 36 48.70 -1.49 -7.15
CA ASN A 36 49.46 -1.84 -5.97
C ASN A 36 50.37 -0.67 -5.60
N ALA A 37 50.89 -0.69 -4.38
CA ALA A 37 51.71 0.41 -3.91
C ALA A 37 52.92 0.68 -4.81
N GLN A 38 53.38 -0.31 -5.57
CA GLN A 38 54.54 -0.16 -6.45
C GLN A 38 54.15 0.17 -7.89
N LEU A 39 52.86 0.38 -8.16
CA LEU A 39 52.37 0.79 -9.49
C LEU A 39 52.98 -0.05 -10.60
N THR A 40 53.33 -1.29 -10.28
CA THR A 40 53.87 -2.19 -11.29
C THR A 40 52.91 -2.38 -12.46
N ASN A 41 51.64 -2.05 -12.30
CA ASN A 41 50.61 -2.33 -13.30
C ASN A 41 50.76 -3.76 -13.84
N GLY A 42 50.84 -4.71 -12.91
CA GLY A 42 50.99 -6.13 -13.21
C GLY A 42 49.96 -6.71 -14.16
N GLY A 43 48.69 -6.61 -13.80
CA GLY A 43 47.62 -7.10 -14.64
C GLY A 43 46.30 -6.42 -14.37
N GLY A 44 45.22 -7.12 -14.71
CA GLY A 44 43.89 -6.64 -14.49
C GLY A 44 43.64 -5.36 -15.26
N ALA A 45 42.74 -4.53 -14.71
CA ALA A 45 42.51 -3.21 -15.28
C ALA A 45 43.76 -2.34 -15.26
N ALA A 46 44.65 -2.54 -14.27
CA ALA A 46 45.81 -1.68 -14.10
C ALA A 46 46.80 -1.82 -15.26
N ARG A 47 47.03 -3.06 -15.72
CA ARG A 47 47.87 -3.23 -16.91
C ARG A 47 47.14 -2.79 -18.17
N ALA A 48 45.80 -2.84 -18.19
CA ALA A 48 45.09 -2.39 -19.38
C ALA A 48 45.12 -0.87 -19.50
N ILE A 49 45.25 -0.18 -18.36
CA ILE A 49 45.37 1.26 -18.37
C ILE A 49 46.79 1.66 -18.75
N ALA A 50 47.77 0.97 -18.18
CA ALA A 50 49.17 1.22 -18.47
C ALA A 50 49.46 1.10 -19.96
N LYS A 51 48.94 0.06 -20.62
CA LYS A 51 49.17 -0.06 -22.06
C LYS A 51 48.16 0.74 -22.86
N LEU A 52 47.71 1.84 -22.30
CA LEU A 52 46.79 2.74 -22.97
C LEU A 52 47.32 4.15 -22.80
N ALA A 53 47.99 4.37 -21.67
CA ALA A 53 48.60 5.65 -21.36
C ALA A 53 49.99 5.77 -21.93
N GLY A 54 50.66 4.65 -22.17
CA GLY A 54 51.92 4.64 -22.86
C GLY A 54 53.07 4.28 -21.95
N PRO A 55 54.28 4.25 -22.53
CA PRO A 55 55.46 3.85 -21.75
C PRO A 55 55.99 4.96 -20.88
N LYS A 56 55.91 6.22 -21.34
CA LYS A 56 56.29 7.32 -20.48
C LYS A 56 55.39 7.38 -19.24
N TYR A 57 54.14 6.97 -19.38
CA TYR A 57 53.29 6.82 -18.19
C TYR A 57 53.91 5.84 -17.20
N GLN A 58 54.34 4.66 -17.69
CA GLN A 58 54.89 3.66 -16.79
C GLN A 58 56.19 4.11 -16.15
N GLU A 59 57.02 4.89 -16.86
CA GLU A 59 58.27 5.36 -16.28
C GLU A 59 58.02 6.35 -15.16
N TYR A 60 57.06 7.26 -15.34
CA TYR A 60 56.77 8.21 -14.28
C TYR A 60 56.24 7.47 -13.04
N CYS A 61 55.45 6.41 -13.22
CA CYS A 61 55.01 5.63 -12.07
C CYS A 61 56.18 5.03 -11.30
N ASN A 62 57.22 4.55 -12.02
CA ASN A 62 58.36 3.96 -11.33
C ASN A 62 59.15 5.00 -10.54
N SER A 63 59.31 6.20 -11.13
CA SER A 63 59.91 7.33 -10.40
C SER A 63 59.30 7.48 -9.02
N VAL A 64 57.96 7.58 -8.95
CA VAL A 64 57.30 7.90 -7.68
C VAL A 64 57.09 6.67 -6.81
N ALA A 65 57.24 5.47 -7.38
CA ALA A 65 57.87 4.35 -6.68
C ALA A 65 56.85 3.78 -5.68
N PRO A 66 57.02 3.77 -4.34
CA PRO A 66 55.86 3.30 -3.57
C PRO A 66 54.94 4.45 -3.22
N ILE A 67 53.62 4.22 -3.35
CA ILE A 67 52.61 5.21 -3.00
C ILE A 67 51.85 4.72 -1.78
N SER A 68 51.67 5.64 -0.82
CA SER A 68 50.92 5.39 0.40
C SER A 68 49.43 5.74 0.27
N GLY A 69 49.12 6.91 -0.28
CA GLY A 69 47.74 7.29 -0.51
C GLY A 69 47.48 7.42 -1.99
N PRO A 70 46.25 7.81 -2.36
CA PRO A 70 45.91 7.94 -3.78
C PRO A 70 46.80 8.96 -4.47
N LEU A 71 47.12 8.68 -5.74
CA LEU A 71 47.98 9.52 -6.55
C LEU A 71 47.23 9.94 -7.81
N THR A 72 47.28 11.21 -8.14
CA THR A 72 46.72 11.65 -9.42
C THR A 72 47.84 11.81 -10.44
N THR A 73 47.54 11.43 -11.67
CA THR A 73 48.50 11.40 -12.73
C THR A 73 47.83 11.92 -14.00
N ASP A 74 48.61 12.57 -14.86
CA ASP A 74 48.15 12.91 -16.19
C ASP A 74 47.81 11.62 -16.94
N SER A 75 47.05 11.75 -18.02
CA SER A 75 46.67 10.56 -18.78
C SER A 75 47.59 10.24 -19.95
N PHE A 76 48.63 11.03 -20.19
CA PHE A 76 49.61 10.75 -21.23
C PHE A 76 48.97 10.37 -22.56
N ASP A 77 49.28 9.17 -23.06
CA ASP A 77 48.77 8.79 -24.38
C ASP A 77 47.26 8.69 -24.41
N ALA A 78 46.64 8.27 -23.29
CA ALA A 78 45.19 8.10 -23.26
C ALA A 78 44.42 9.41 -23.35
N LYS A 79 45.11 10.56 -23.29
CA LYS A 79 44.42 11.83 -23.46
C LYS A 79 43.67 11.89 -24.79
N LYS A 80 44.23 11.27 -25.86
CA LYS A 80 43.55 11.21 -27.15
C LYS A 80 42.13 10.69 -27.03
N LEU A 81 41.89 9.81 -26.05
CA LEU A 81 40.62 9.13 -25.94
C LEU A 81 39.58 9.89 -25.12
N GLY A 82 39.98 10.96 -24.43
CA GLY A 82 39.08 11.71 -23.57
C GLY A 82 39.35 11.56 -22.08
N VAL A 83 40.47 10.95 -21.70
CA VAL A 83 40.83 10.75 -20.30
C VAL A 83 41.64 11.95 -19.84
N ALA A 84 41.06 12.75 -18.92
CA ALA A 84 41.75 13.93 -18.44
C ALA A 84 42.90 13.56 -17.52
N CYS A 85 42.72 12.52 -16.70
CA CYS A 85 43.78 12.10 -15.79
C CYS A 85 43.46 10.70 -15.28
N ILE A 86 44.43 10.15 -14.54
CA ILE A 86 44.39 8.78 -14.01
C ILE A 86 44.58 8.87 -12.51
N LEU A 87 43.69 8.22 -11.76
CA LEU A 87 43.73 8.23 -10.31
C LEU A 87 44.06 6.83 -9.84
N HIS A 88 45.03 6.72 -8.93
CA HIS A 88 45.53 5.43 -8.48
C HIS A 88 45.12 5.22 -7.04
N VAL A 89 44.53 4.07 -6.75
CA VAL A 89 44.17 3.68 -5.40
C VAL A 89 44.44 2.20 -5.18
N VAL A 90 44.82 1.86 -3.96
CA VAL A 90 45.19 0.50 -3.59
C VAL A 90 44.01 -0.21 -2.96
N PRO A 91 43.30 -1.07 -3.67
CA PRO A 91 42.20 -1.80 -3.06
C PRO A 91 42.70 -2.65 -1.90
N PRO A 92 41.86 -2.91 -0.92
CA PRO A 92 42.21 -3.93 0.07
C PRO A 92 42.15 -5.30 -0.59
N LYS A 93 42.93 -6.24 -0.08
CA LYS A 93 43.05 -7.52 -0.76
C LYS A 93 41.98 -8.53 -0.33
N GLY A 94 40.90 -8.10 0.32
CA GLY A 94 39.77 -8.99 0.50
C GLY A 94 40.00 -10.21 1.34
N SER A 95 41.05 -10.22 2.16
CA SER A 95 41.41 -11.37 2.96
C SER A 95 41.72 -10.95 4.40
N ASP A 96 41.02 -9.93 4.89
CA ASP A 96 41.44 -9.29 6.12
C ASP A 96 40.27 -8.48 6.67
N PRO A 97 40.26 -8.22 7.97
CA PRO A 97 39.24 -7.34 8.55
C PRO A 97 39.72 -5.90 8.64
N ASN A 98 38.81 -4.99 8.31
CA ASN A 98 37.54 -5.36 7.72
C ASN A 98 37.54 -4.93 6.27
N VAL A 99 37.39 -5.89 5.35
CA VAL A 99 37.59 -5.58 3.95
C VAL A 99 36.50 -4.65 3.42
N GLN A 100 35.27 -4.73 3.92
CA GLN A 100 34.22 -3.90 3.36
C GLN A 100 34.24 -2.47 3.88
N GLU A 101 34.87 -2.24 5.03
CA GLU A 101 35.18 -0.87 5.43
C GLU A 101 36.25 -0.28 4.52
N LEU A 102 37.38 -0.99 4.35
CA LEU A 102 38.43 -0.52 3.45
C LEU A 102 37.93 -0.38 2.02
N LEU A 103 37.01 -1.24 1.59
CA LEU A 103 36.35 -1.04 0.31
C LEU A 103 35.61 0.29 0.30
N TYR A 104 34.87 0.58 1.37
CA TYR A 104 34.09 1.81 1.43
C TYR A 104 35.00 3.02 1.46
N GLN A 105 36.06 2.98 2.25
CA GLN A 105 36.97 4.11 2.26
C GLN A 105 37.85 4.17 1.01
N ALA A 106 37.80 3.16 0.14
CA ALA A 106 38.47 3.27 -1.15
C ALA A 106 37.63 4.07 -2.13
N TYR A 107 36.32 3.82 -2.18
CA TYR A 107 35.47 4.59 -3.07
C TYR A 107 35.28 6.02 -2.56
N LYS A 108 35.21 6.19 -1.24
CA LYS A 108 35.25 7.53 -0.65
C LYS A 108 36.50 8.25 -1.09
N SER A 109 37.61 7.54 -1.12
CA SER A 109 38.88 8.09 -1.55
C SER A 109 38.85 8.55 -3.01
N ILE A 110 37.95 8.00 -3.82
CA ILE A 110 37.91 8.27 -5.25
C ILE A 110 36.98 9.43 -5.57
N LEU A 111 35.76 9.39 -5.02
CA LEU A 111 34.66 10.21 -5.49
C LEU A 111 34.59 11.44 -4.59
N THR A 112 35.39 12.44 -4.93
CA THR A 112 35.58 13.60 -4.08
C THR A 112 35.30 14.92 -4.79
N GLU A 113 35.28 14.93 -6.11
CA GLU A 113 35.20 16.14 -6.92
C GLU A 113 34.13 15.93 -7.98
N PRO A 114 33.56 17.00 -8.49
CA PRO A 114 32.49 16.81 -9.48
C PRO A 114 33.04 16.63 -10.88
N ALA A 115 33.32 15.37 -11.20
CA ALA A 115 33.92 14.95 -12.46
C ALA A 115 33.23 13.67 -12.90
N HIS A 116 33.52 13.27 -14.14
CA HIS A 116 33.02 12.01 -14.68
C HIS A 116 34.03 10.90 -14.38
N TYR A 117 33.64 9.97 -13.54
CA TYR A 117 34.52 8.88 -13.10
C TYR A 117 34.24 7.63 -13.91
N VAL A 118 35.32 6.90 -14.24
CA VAL A 118 35.24 5.60 -14.87
C VAL A 118 35.94 4.65 -13.94
N ILE A 119 35.21 3.67 -13.41
CA ILE A 119 35.78 2.86 -12.34
C ILE A 119 35.64 1.38 -12.66
N PRO A 120 36.73 0.68 -12.91
CA PRO A 120 36.73 -0.77 -12.77
C PRO A 120 36.33 -1.15 -11.36
N ILE A 121 35.36 -2.06 -11.24
CA ILE A 121 34.91 -2.49 -9.92
C ILE A 121 36.12 -3.00 -9.14
N LEU A 122 36.27 -2.52 -7.91
CA LEU A 122 37.44 -2.83 -7.11
C LEU A 122 37.34 -4.25 -6.57
N GLY A 123 38.49 -4.87 -6.37
CA GLY A 123 38.50 -6.22 -5.84
C GLY A 123 38.25 -7.32 -6.84
N ALA A 124 38.68 -7.14 -8.08
CA ALA A 124 38.73 -8.26 -9.01
C ALA A 124 40.02 -9.04 -8.81
N GLY A 125 40.08 -10.22 -9.43
CA GLY A 125 41.20 -11.12 -9.23
C GLY A 125 40.87 -12.23 -8.24
N ILE A 126 41.68 -13.29 -8.27
CA ILE A 126 41.56 -14.37 -7.30
C ILE A 126 42.04 -13.96 -5.92
N PHE A 127 42.74 -12.82 -5.82
CA PHE A 127 43.07 -12.20 -4.56
C PHE A 127 42.05 -11.12 -4.16
N GLY A 128 40.87 -11.15 -4.78
CA GLY A 128 39.97 -10.01 -4.77
C GLY A 128 38.99 -9.98 -3.63
N CYS A 129 37.81 -9.44 -3.92
CA CYS A 129 36.77 -9.25 -2.94
C CYS A 129 35.43 -9.61 -3.56
N ASN A 130 34.47 -9.95 -2.71
CA ASN A 130 33.12 -10.23 -3.15
C ASN A 130 32.58 -9.03 -3.93
N PRO A 131 32.21 -9.19 -5.20
CA PRO A 131 31.76 -8.02 -5.98
C PRO A 131 30.47 -7.41 -5.47
N VAL A 132 29.67 -8.16 -4.71
CA VAL A 132 28.47 -7.54 -4.15
C VAL A 132 28.84 -6.56 -3.04
N HIS A 133 29.92 -6.83 -2.32
CA HIS A 133 30.40 -5.85 -1.34
C HIS A 133 30.98 -4.62 -2.02
N SER A 134 31.77 -4.82 -3.07
CA SER A 134 32.30 -3.70 -3.82
C SER A 134 31.20 -2.82 -4.39
N LEU A 135 30.24 -3.44 -5.09
CA LEU A 135 29.14 -2.64 -5.61
C LEU A 135 28.34 -1.99 -4.49
N ASP A 136 28.32 -2.61 -3.31
CA ASP A 136 27.60 -2.05 -2.17
C ASP A 136 28.39 -0.95 -1.49
N ALA A 137 29.70 -1.19 -1.28
CA ALA A 137 30.57 -0.12 -0.78
C ALA A 137 30.43 1.13 -1.64
N PHE A 138 30.29 0.93 -2.96
CA PHE A 138 30.28 2.06 -3.86
C PHE A 138 29.02 2.90 -3.71
N ARG A 139 27.85 2.25 -3.61
CA ARG A 139 26.63 3.04 -3.42
C ARG A 139 26.63 3.71 -2.06
N LYS A 140 27.21 3.08 -1.04
CA LYS A 140 27.36 3.75 0.26
C LYS A 140 28.25 4.99 0.17
N ALA A 141 29.21 5.02 -0.77
CA ALA A 141 30.14 6.13 -0.85
C ALA A 141 29.79 7.15 -1.92
N CYS A 142 29.01 6.74 -2.93
CA CYS A 142 28.72 7.64 -4.04
C CYS A 142 27.91 8.84 -3.57
N PRO A 143 28.41 10.06 -3.73
CA PRO A 143 27.62 11.25 -3.42
C PRO A 143 26.44 11.38 -4.39
N SER A 144 25.50 12.26 -4.02
CA SER A 144 24.23 12.39 -4.73
C SER A 144 24.26 13.40 -5.87
N ASP A 145 25.30 14.24 -5.96
CA ASP A 145 25.31 15.34 -6.91
C ASP A 145 26.46 15.23 -7.92
N ILE A 146 27.03 14.05 -8.11
CA ILE A 146 28.24 13.90 -8.90
C ILE A 146 27.88 13.24 -10.23
N GLY A 147 26.93 13.85 -10.94
CA GLY A 147 26.58 13.54 -12.32
C GLY A 147 26.73 12.13 -12.83
N ARG A 148 27.18 12.01 -14.07
CA ARG A 148 27.32 10.70 -14.71
C ARG A 148 28.55 9.96 -14.18
N VAL A 149 28.37 8.68 -13.85
CA VAL A 149 29.44 7.81 -13.33
C VAL A 149 29.40 6.47 -14.04
N THR A 150 30.57 5.93 -14.37
CA THR A 150 30.69 4.73 -15.19
C THR A 150 31.51 3.69 -14.44
N LEU A 151 30.89 2.56 -14.12
CA LEU A 151 31.63 1.40 -13.65
C LEU A 151 31.83 0.41 -14.77
N VAL A 152 32.86 -0.40 -14.64
CA VAL A 152 33.34 -1.25 -15.71
C VAL A 152 33.55 -2.64 -15.16
N THR A 153 33.03 -3.65 -15.87
CA THR A 153 32.96 -4.99 -15.32
C THR A 153 33.73 -6.03 -16.15
N MET A 154 33.14 -6.53 -17.24
CA MET A 154 33.57 -7.75 -17.95
C MET A 154 33.28 -9.03 -17.15
N ASN A 155 32.15 -9.06 -16.43
CA ASN A 155 31.69 -10.29 -15.78
C ASN A 155 30.23 -10.61 -16.09
N LYS A 156 29.45 -9.67 -16.63
CA LYS A 156 28.13 -9.94 -17.19
C LYS A 156 27.12 -10.51 -16.19
N ASN A 157 27.59 -10.97 -15.02
CA ASN A 157 26.73 -11.26 -13.89
C ASN A 157 26.58 -10.08 -12.96
N HIS A 158 27.50 -9.13 -13.05
CA HIS A 158 27.48 -7.96 -12.19
C HIS A 158 26.37 -6.99 -12.56
N LEU A 159 25.81 -7.07 -13.77
CA LEU A 159 24.67 -6.19 -14.04
C LEU A 159 23.48 -6.59 -13.19
N GLN A 160 23.38 -7.86 -12.82
CA GLN A 160 22.34 -8.30 -11.89
C GLN A 160 22.67 -7.92 -10.46
N VAL A 161 23.88 -8.26 -10.00
CA VAL A 161 24.31 -7.90 -8.65
C VAL A 161 24.06 -6.41 -8.41
N TRP A 162 24.25 -5.61 -9.46
CA TRP A 162 23.98 -4.17 -9.35
C TRP A 162 22.48 -3.92 -9.24
N ASP A 163 21.70 -4.48 -10.15
CA ASP A 163 20.26 -4.27 -10.16
C ASP A 163 19.60 -4.69 -8.84
N ALA A 164 20.06 -5.81 -8.25
CA ALA A 164 19.49 -6.27 -6.99
C ALA A 164 19.79 -5.30 -5.85
N LEU A 165 21.04 -4.83 -5.77
CA LEU A 165 21.45 -3.93 -4.70
C LEU A 165 20.71 -2.60 -4.72
N ASN A 166 20.05 -2.25 -5.83
CA ASN A 166 19.25 -1.03 -5.90
C ASN A 166 17.75 -1.33 -5.96
N ARG A 167 17.35 -2.49 -5.45
CA ARG A 167 15.95 -2.86 -5.36
C ARG A 167 15.65 -3.37 -3.96
N THR A 168 14.45 -3.06 -3.49
CA THR A 168 13.98 -3.48 -2.18
C THR A 168 12.85 -4.50 -2.36
N ILE A 169 12.86 -5.52 -1.52
CA ILE A 169 11.92 -6.63 -1.62
C ILE A 169 10.63 -6.27 -0.89
N VAL A 170 9.50 -6.31 -1.60
CA VAL A 170 8.23 -5.84 -1.10
C VAL A 170 7.17 -6.92 -1.28
N ARG A 171 6.41 -7.19 -0.22
CA ARG A 171 5.27 -8.11 -0.29
C ARG A 171 4.00 -7.29 -0.47
N THR A 172 3.23 -7.63 -1.51
CA THR A 172 2.08 -6.84 -1.93
C THR A 172 0.92 -7.76 -2.26
N THR A 173 -0.29 -7.18 -2.24
CA THR A 173 -1.48 -7.92 -2.61
C THR A 173 -2.50 -6.93 -3.17
N THR A 174 -3.40 -7.43 -4.02
CA THR A 174 -4.59 -6.67 -4.38
C THR A 174 -5.83 -7.22 -3.69
N ASP A 175 -5.64 -8.19 -2.80
CA ASP A 175 -6.51 -9.34 -2.60
C ASP A 175 -6.74 -9.69 -1.14
N TYR A 176 -5.67 -9.59 -0.36
CA TYR A 176 -5.42 -10.45 0.78
C TYR A 176 -5.84 -11.91 0.51
N ASP A 177 -5.66 -12.34 -0.73
CA ASP A 177 -5.72 -13.74 -1.13
C ASP A 177 -4.33 -14.11 -1.61
N GLN A 178 -4.04 -13.89 -2.88
CA GLN A 178 -2.68 -14.10 -3.37
C GLN A 178 -1.78 -12.96 -2.91
N VAL A 179 -0.60 -13.30 -2.40
CA VAL A 179 0.42 -12.33 -2.00
C VAL A 179 1.62 -12.47 -2.94
N THR A 180 2.09 -11.35 -3.47
CA THR A 180 3.19 -11.36 -4.41
C THR A 180 4.37 -10.60 -3.83
N THR A 181 5.55 -11.22 -3.87
CA THR A 181 6.79 -10.63 -3.41
C THR A 181 7.54 -10.06 -4.61
N LYS A 182 7.81 -8.76 -4.58
CA LYS A 182 8.44 -8.05 -5.68
C LYS A 182 9.76 -7.43 -5.25
N ALA A 183 10.67 -7.28 -6.21
CA ALA A 183 11.88 -6.47 -6.03
C ALA A 183 11.63 -5.16 -6.78
N LEU A 184 11.51 -4.06 -6.05
CA LEU A 184 11.10 -2.81 -6.67
C LEU A 184 12.23 -1.79 -6.60
N THR A 185 12.34 -0.98 -7.65
CA THR A 185 13.23 0.18 -7.61
C THR A 185 12.55 1.30 -6.86
N PRO A 186 13.31 2.24 -6.28
CA PRO A 186 12.68 3.37 -5.57
C PRO A 186 11.64 4.06 -6.45
N GLN A 187 11.77 3.92 -7.77
CA GLN A 187 10.73 4.41 -8.66
C GLN A 187 9.53 3.47 -8.67
N GLY A 188 9.77 2.16 -8.83
CA GLY A 188 8.69 1.20 -8.83
C GLY A 188 7.86 1.24 -7.56
N VAL A 189 8.50 1.54 -6.42
CA VAL A 189 7.81 1.60 -5.14
C VAL A 189 6.69 2.63 -5.19
N LEU A 190 6.97 3.82 -5.75
CA LEU A 190 5.93 4.83 -5.85
C LEU A 190 4.93 4.50 -6.95
N GLU A 191 5.38 3.84 -8.02
CA GLU A 191 4.42 3.35 -9.00
C GLU A 191 3.50 2.27 -8.43
N ALA A 192 3.93 1.60 -7.36
CA ALA A 192 3.17 0.49 -6.81
C ALA A 192 1.96 0.96 -6.02
N ASN A 193 1.97 2.19 -5.51
CA ASN A 193 0.91 2.72 -4.67
C ASN A 193 0.74 1.86 -3.43
N LEU A 194 1.85 1.60 -2.76
CA LEU A 194 1.78 0.76 -1.56
C LEU A 194 0.94 1.44 -0.50
N PHE A 195 -0.02 0.70 0.04
CA PHE A 195 -0.97 1.19 1.03
C PHE A 195 -0.85 0.38 2.31
N ASP A 196 -0.71 1.09 3.43
CA ASP A 196 -0.46 0.63 4.77
C ASP A 196 -1.70 0.11 5.49
N GLY A 197 -2.89 0.36 4.95
CA GLY A 197 -4.12 0.27 5.70
C GLY A 197 -4.61 1.61 6.22
N GLU A 198 -3.70 2.59 6.36
CA GLU A 198 -4.02 3.96 6.73
C GLU A 198 -3.58 4.99 5.70
N ASP A 199 -2.44 4.78 5.07
CA ASP A 199 -1.82 5.80 4.22
C ASP A 199 -0.83 5.11 3.29
N PHE A 200 -0.45 5.80 2.22
CA PHE A 200 0.50 5.25 1.27
C PHE A 200 1.90 5.28 1.85
N VAL A 201 2.76 4.34 1.40
CA VAL A 201 4.06 4.09 2.01
C VAL A 201 5.13 4.15 0.94
N GLN A 202 6.14 4.99 1.15
CA GLN A 202 7.17 5.07 0.14
C GLN A 202 8.47 4.40 0.56
N GLU A 203 8.60 3.96 1.80
CA GLU A 203 9.61 2.96 2.12
C GLU A 203 8.99 1.83 2.93
N PRO A 204 8.62 0.74 2.27
CA PRO A 204 8.05 -0.41 2.96
C PRO A 204 9.06 -1.06 3.92
N LYS A 205 8.56 -1.45 5.09
CA LYS A 205 9.35 -2.28 5.98
C LYS A 205 9.39 -3.72 5.45
N PRO A 206 10.47 -4.46 5.71
CA PRO A 206 10.56 -5.83 5.16
C PRO A 206 9.59 -6.80 5.84
N GLY A 207 9.12 -7.77 5.05
CA GLY A 207 8.23 -8.80 5.53
C GLY A 207 6.78 -8.43 5.58
N GLN A 208 6.46 -7.13 5.57
CA GLN A 208 5.11 -6.65 5.77
C GLN A 208 4.37 -6.63 4.43
N ILE A 209 3.08 -6.93 4.48
CA ILE A 209 2.26 -7.02 3.28
C ILE A 209 1.54 -5.70 3.09
N TYR A 210 1.58 -5.19 1.87
CA TYR A 210 1.00 -3.90 1.53
C TYR A 210 -0.04 -4.09 0.46
N LEU A 211 -1.09 -3.28 0.51
CA LEU A 211 -2.06 -3.25 -0.56
C LEU A 211 -1.47 -2.48 -1.74
N GLU A 212 -1.37 -3.13 -2.88
CA GLU A 212 -0.99 -2.46 -4.12
C GLU A 212 -2.24 -1.85 -4.71
N VAL A 213 -2.38 -0.53 -4.59
CA VAL A 213 -3.64 0.08 -5.00
C VAL A 213 -3.62 0.30 -6.52
N THR A 214 -4.05 -0.71 -7.26
CA THR A 214 -4.18 -0.57 -8.70
C THR A 214 -5.44 0.22 -9.00
N GLU A 215 -5.80 0.35 -10.27
CA GLU A 215 -7.06 1.01 -10.57
C GLU A 215 -8.23 0.06 -10.45
N GLU A 216 -7.98 -1.25 -10.56
CA GLU A 216 -9.00 -2.24 -10.24
C GLU A 216 -9.35 -2.21 -8.74
N VAL A 217 -8.35 -2.00 -7.88
CA VAL A 217 -8.63 -1.82 -6.46
C VAL A 217 -9.50 -0.58 -6.25
N GLN A 218 -9.13 0.54 -6.85
CA GLN A 218 -9.93 1.75 -6.64
C GLN A 218 -11.36 1.52 -7.10
N ASN A 219 -11.55 0.83 -8.23
CA ASN A 219 -12.92 0.65 -8.70
C ASN A 219 -13.71 -0.27 -7.78
N GLN A 220 -13.06 -1.28 -7.20
CA GLN A 220 -13.72 -2.22 -6.30
C GLN A 220 -14.19 -1.51 -5.02
N ALA A 221 -13.29 -0.75 -4.38
CA ALA A 221 -13.67 0.08 -3.25
C ALA A 221 -14.88 0.94 -3.57
N LYS A 222 -14.84 1.66 -4.71
CA LYS A 222 -15.94 2.57 -5.00
C LYS A 222 -17.23 1.82 -5.34
N GLU A 223 -17.13 0.62 -5.93
CA GLU A 223 -18.35 -0.15 -6.14
C GLU A 223 -19.03 -0.49 -4.82
N LEU A 224 -18.22 -0.67 -3.76
CA LEU A 224 -18.67 -1.05 -2.43
C LEU A 224 -18.87 0.15 -1.51
N ASP A 225 -18.60 1.37 -1.99
CA ASP A 225 -18.77 2.61 -1.23
C ASP A 225 -17.78 2.68 -0.06
N LEU A 226 -16.57 2.21 -0.25
CA LEU A 226 -15.58 2.27 0.81
C LEU A 226 -14.40 3.11 0.35
N ASN A 227 -13.85 3.90 1.27
CA ASN A 227 -12.49 4.39 1.06
C ASN A 227 -11.50 3.25 1.29
N LEU A 228 -10.21 3.57 1.24
CA LEU A 228 -9.21 2.51 1.19
C LEU A 228 -8.96 1.89 2.56
N GLN A 229 -8.98 2.71 3.63
CA GLN A 229 -8.95 2.16 4.97
C GLN A 229 -10.05 1.12 5.14
N GLN A 230 -11.28 1.50 4.80
CA GLN A 230 -12.39 0.57 4.89
C GLN A 230 -12.17 -0.63 3.99
N TYR A 231 -11.63 -0.40 2.81
CA TYR A 231 -11.51 -1.52 1.87
C TYR A 231 -10.54 -2.56 2.40
N CYS A 232 -9.45 -2.11 3.03
CA CYS A 232 -8.51 -3.03 3.65
C CYS A 232 -9.20 -3.84 4.74
N VAL A 233 -9.92 -3.15 5.63
CA VAL A 233 -10.68 -3.85 6.65
C VAL A 233 -11.59 -4.87 6.01
N TYR A 234 -12.20 -4.49 4.89
CA TYR A 234 -13.12 -5.39 4.21
C TYR A 234 -12.40 -6.64 3.74
N LEU A 235 -11.26 -6.47 3.08
CA LEU A 235 -10.53 -7.62 2.54
C LEU A 235 -10.10 -8.57 3.65
N LYS A 236 -9.62 -8.04 4.76
CA LYS A 236 -9.17 -8.91 5.84
C LYS A 236 -10.35 -9.60 6.55
N THR A 237 -11.47 -8.89 6.73
CA THR A 237 -12.63 -9.48 7.41
C THR A 237 -13.30 -10.57 6.57
N CYS A 238 -13.02 -10.63 5.27
CA CYS A 238 -13.53 -11.71 4.44
C CYS A 238 -13.00 -13.08 4.86
N HIS A 239 -11.97 -13.11 5.69
CA HIS A 239 -11.39 -14.37 6.13
C HIS A 239 -12.04 -14.92 7.39
N HIS A 240 -12.85 -14.12 8.08
CA HIS A 240 -13.54 -14.63 9.26
C HIS A 240 -14.50 -15.75 8.88
N LYS A 241 -14.50 -16.81 9.67
CA LYS A 241 -15.48 -17.90 9.47
C LYS A 241 -16.73 -17.61 10.29
N TRP A 242 -17.89 -17.67 9.65
CA TRP A 242 -19.16 -17.52 10.33
C TRP A 242 -20.05 -18.72 10.04
N VAL A 243 -21.12 -18.84 10.84
CA VAL A 243 -22.15 -19.84 10.59
C VAL A 243 -23.47 -19.10 10.37
N VAL A 244 -24.14 -19.41 9.24
CA VAL A 244 -25.49 -18.92 9.00
C VAL A 244 -26.44 -20.11 8.93
N SER A 245 -27.72 -19.82 9.11
CA SER A 245 -28.69 -20.84 9.54
C SER A 245 -30.10 -20.37 9.21
N ARG A 246 -30.86 -21.16 8.44
CA ARG A 246 -32.27 -20.87 8.22
C ARG A 246 -33.05 -21.05 9.52
N THR A 247 -33.79 -20.03 9.93
CA THR A 247 -34.51 -20.03 11.20
C THR A 247 -35.59 -18.97 11.13
N ASN A 248 -36.81 -19.30 11.56
CA ASN A 248 -37.93 -18.36 11.54
C ASN A 248 -38.13 -17.72 10.16
N GLY A 249 -37.97 -18.53 9.11
CA GLY A 249 -38.16 -18.03 7.76
C GLY A 249 -37.04 -17.19 7.19
N LEU A 250 -36.02 -16.83 7.98
CA LEU A 250 -34.91 -16.02 7.50
C LEU A 250 -33.58 -16.71 7.74
N MET A 251 -32.58 -16.38 6.91
CA MET A 251 -31.22 -16.87 7.12
C MET A 251 -30.55 -16.02 8.21
N HIS A 252 -30.24 -16.64 9.34
CA HIS A 252 -29.77 -15.96 10.53
C HIS A 252 -28.26 -16.10 10.67
N LEU A 253 -27.63 -15.09 11.24
CA LEU A 253 -26.18 -15.10 11.43
C LEU A 253 -25.93 -15.48 12.88
N LYS A 254 -25.46 -16.71 13.09
CA LYS A 254 -25.25 -17.28 14.43
C LYS A 254 -24.43 -16.34 15.29
N GLN A 255 -24.87 -16.17 16.54
CA GLN A 255 -24.23 -15.23 17.46
C GLN A 255 -22.77 -15.61 17.68
N LYS A 256 -21.89 -14.60 17.65
CA LYS A 256 -20.45 -14.82 17.72
C LYS A 256 -19.70 -13.50 17.69
N ASP A 257 -18.72 -13.33 18.58
CA ASP A 257 -17.77 -12.22 18.50
C ASP A 257 -18.47 -10.86 18.47
N ASN A 258 -19.56 -10.74 19.24
CA ASN A 258 -20.31 -9.49 19.35
C ASN A 258 -20.98 -9.08 18.06
N ASN A 259 -21.26 -10.02 17.17
CA ASN A 259 -21.84 -9.67 15.89
C ASN A 259 -23.37 -9.49 15.94
N CYS A 260 -23.99 -9.28 17.12
CA CYS A 260 -25.45 -9.29 17.15
C CYS A 260 -26.01 -8.05 16.47
N PHE A 261 -25.30 -6.92 16.57
CA PHE A 261 -25.68 -5.72 15.82
C PHE A 261 -25.75 -5.97 14.32
N VAL A 262 -25.06 -6.99 13.82
CA VAL A 262 -25.15 -7.28 12.39
C VAL A 262 -26.35 -8.16 12.09
N SER A 263 -26.46 -9.30 12.80
CA SER A 263 -27.62 -10.17 12.64
C SER A 263 -28.93 -9.43 12.85
N ALA A 264 -29.01 -8.55 13.85
CA ALA A 264 -30.27 -7.84 14.06
C ALA A 264 -30.58 -6.94 12.85
N GLY A 265 -29.57 -6.27 12.31
CA GLY A 265 -29.80 -5.40 11.17
C GLY A 265 -30.21 -6.17 9.92
N VAL A 266 -29.45 -7.24 9.60
CA VAL A 266 -29.78 -8.10 8.46
C VAL A 266 -31.12 -8.80 8.63
N ASN A 267 -31.51 -9.10 9.87
CA ASN A 267 -32.77 -9.81 10.03
C ASN A 267 -33.98 -8.88 9.87
N LEU A 268 -33.92 -7.66 10.42
CA LEU A 268 -34.89 -6.63 10.06
C LEU A 268 -34.97 -6.47 8.54
N PHE A 269 -33.80 -6.34 7.89
CA PHE A 269 -33.80 -6.07 6.45
C PHE A 269 -34.51 -7.19 5.71
N GLN A 270 -34.25 -8.44 6.09
CA GLN A 270 -34.89 -9.57 5.43
C GLN A 270 -36.42 -9.50 5.53
N ASN A 271 -36.96 -8.82 6.55
CA ASN A 271 -38.40 -8.68 6.69
C ASN A 271 -38.93 -7.40 6.06
N THR A 272 -38.16 -6.74 5.20
CA THR A 272 -38.69 -5.68 4.36
C THR A 272 -38.78 -6.16 2.92
N ALA A 273 -39.19 -5.25 2.04
CA ALA A 273 -39.41 -5.61 0.65
C ALA A 273 -38.37 -5.00 -0.26
N TYR A 274 -37.28 -4.48 0.30
CA TYR A 274 -36.30 -3.72 -0.47
C TYR A 274 -35.41 -4.65 -1.28
N GLN A 275 -34.83 -4.11 -2.35
CA GLN A 275 -33.88 -4.84 -3.18
C GLN A 275 -32.57 -4.07 -3.31
N PHE A 276 -31.47 -4.69 -2.90
CA PHE A 276 -30.15 -4.07 -2.98
C PHE A 276 -29.77 -3.69 -4.41
N ARG A 277 -29.01 -2.61 -4.55
CA ARG A 277 -28.39 -2.30 -5.83
C ARG A 277 -27.46 -3.43 -6.28
N PRO A 278 -27.14 -3.50 -7.58
CA PRO A 278 -26.48 -4.70 -8.12
C PRO A 278 -25.22 -5.17 -7.39
N ALA A 279 -24.28 -4.28 -7.12
CA ALA A 279 -23.06 -4.72 -6.46
C ALA A 279 -23.35 -5.37 -5.12
N ILE A 280 -24.32 -4.85 -4.37
CA ILE A 280 -24.53 -5.33 -3.01
C ILE A 280 -25.44 -6.57 -3.03
N ASP A 281 -26.38 -6.64 -3.98
CA ASP A 281 -27.24 -7.83 -4.07
C ASP A 281 -26.41 -9.06 -4.36
N ALA A 282 -25.24 -8.87 -5.01
CA ALA A 282 -24.32 -9.98 -5.26
C ALA A 282 -23.73 -10.52 -3.95
N LEU A 283 -23.35 -9.64 -3.02
CA LEU A 283 -22.90 -10.15 -1.73
C LEU A 283 -24.06 -10.81 -1.00
N TYR A 284 -25.25 -10.22 -1.12
CA TYR A 284 -26.37 -10.65 -0.30
C TYR A 284 -26.88 -12.01 -0.73
N ARG A 285 -26.94 -12.26 -2.04
CA ARG A 285 -27.34 -13.59 -2.49
C ARG A 285 -26.32 -14.65 -2.12
N GLU A 286 -25.05 -14.28 -1.92
CA GLU A 286 -24.13 -15.24 -1.30
C GLU A 286 -24.57 -15.55 0.12
N TYR A 287 -24.70 -14.53 0.96
CA TYR A 287 -25.12 -14.73 2.34
C TYR A 287 -26.38 -15.60 2.41
N LEU A 288 -27.39 -15.28 1.59
CA LEU A 288 -28.64 -16.03 1.65
C LEU A 288 -28.48 -17.49 1.23
N ASN A 289 -27.33 -17.84 0.65
CA ASN A 289 -27.07 -19.21 0.23
C ASN A 289 -26.01 -19.91 1.06
N GLY A 290 -25.46 -19.28 2.09
CA GLY A 290 -24.50 -19.92 2.97
C GLY A 290 -23.10 -19.35 2.94
N ASN A 291 -22.83 -18.30 2.15
CA ASN A 291 -21.52 -17.62 2.12
C ASN A 291 -21.62 -16.26 2.76
N PRO A 292 -21.72 -16.17 4.08
CA PRO A 292 -21.90 -14.87 4.72
C PRO A 292 -20.67 -13.97 4.67
N ASN A 293 -19.55 -14.44 4.14
CA ASN A 293 -18.27 -13.79 4.45
C ASN A 293 -18.19 -12.39 3.84
N ARG A 294 -18.45 -12.26 2.54
CA ARG A 294 -18.26 -10.96 1.91
C ARG A 294 -19.27 -9.95 2.45
N PHE A 295 -20.54 -10.33 2.48
CA PHE A 295 -21.62 -9.42 2.91
C PHE A 295 -21.37 -8.90 4.31
N VAL A 296 -20.99 -9.78 5.23
CA VAL A 296 -20.73 -9.38 6.61
C VAL A 296 -19.50 -8.49 6.70
N ALA A 297 -18.45 -8.84 5.96
CA ALA A 297 -17.24 -8.00 5.95
C ALA A 297 -17.56 -6.61 5.42
N TRP A 298 -18.36 -6.54 4.36
CA TRP A 298 -18.84 -5.25 3.91
C TRP A 298 -19.58 -4.49 5.01
N ILE A 299 -20.35 -5.19 5.85
CA ILE A 299 -21.07 -4.46 6.90
C ILE A 299 -20.09 -3.87 7.89
N TYR A 300 -19.11 -4.67 8.33
CA TYR A 300 -18.15 -4.19 9.30
C TYR A 300 -17.33 -3.03 8.78
N ALA A 301 -16.88 -3.11 7.51
CA ALA A 301 -16.05 -2.04 6.96
C ALA A 301 -16.85 -0.78 6.70
N SER A 302 -18.12 -0.91 6.29
CA SER A 302 -18.95 0.27 6.06
C SER A 302 -19.28 1.01 7.36
N THR A 303 -19.38 0.30 8.49
CA THR A 303 -19.72 0.94 9.76
C THR A 303 -18.50 1.11 10.66
N ASN A 304 -17.30 0.83 10.15
CA ASN A 304 -16.05 1.14 10.87
C ASN A 304 -15.98 0.38 12.19
N ARG A 305 -16.22 -0.92 12.12
CA ARG A 305 -16.09 -1.79 13.27
C ARG A 305 -15.05 -2.85 12.96
N ARG A 306 -14.55 -3.49 14.01
CA ARG A 306 -13.73 -4.68 13.86
C ARG A 306 -14.43 -5.85 14.53
N VAL A 307 -14.26 -7.03 13.95
CA VAL A 307 -14.84 -8.23 14.51
C VAL A 307 -14.37 -8.41 15.95
N GLY A 308 -15.33 -8.70 16.84
CA GLY A 308 -15.06 -8.73 18.26
C GLY A 308 -15.64 -7.49 18.93
N GLU A 309 -15.54 -6.37 18.23
CA GLU A 309 -16.14 -5.11 18.67
C GLU A 309 -17.64 -5.17 18.46
N MET A 310 -18.36 -4.41 19.28
CA MET A 310 -19.80 -4.37 19.23
C MET A 310 -20.22 -3.02 18.69
N GLY A 311 -21.17 -3.05 17.74
CA GLY A 311 -21.61 -1.84 17.06
C GLY A 311 -23.10 -1.54 17.18
N CYS A 312 -23.56 -0.58 16.36
CA CYS A 312 -24.90 -0.01 16.48
C CYS A 312 -25.83 -0.64 15.47
N PRO A 313 -26.94 -1.27 15.88
CA PRO A 313 -27.83 -1.87 14.88
C PRO A 313 -28.52 -0.85 14.00
N GLN A 314 -28.76 0.38 14.48
CA GLN A 314 -29.31 1.43 13.61
C GLN A 314 -28.38 1.72 12.44
N GLN A 315 -27.07 1.76 12.72
CA GLN A 315 -26.05 1.90 11.66
C GLN A 315 -26.24 0.83 10.59
N VAL A 316 -26.42 -0.43 11.01
CA VAL A 316 -26.52 -1.51 10.04
C VAL A 316 -27.76 -1.36 9.17
N ILE A 317 -28.94 -1.25 9.81
CA ILE A 317 -30.15 -1.22 9.00
C ILE A 317 -30.17 0.02 8.11
N SER A 318 -29.58 1.12 8.57
CA SER A 318 -29.53 2.32 7.75
C SER A 318 -28.57 2.15 6.58
N LEU A 319 -27.45 1.44 6.80
CA LEU A 319 -26.55 1.12 5.71
C LEU A 319 -27.24 0.26 4.66
N LEU A 320 -27.92 -0.80 5.08
CA LEU A 320 -28.57 -1.70 4.13
C LEU A 320 -29.63 -0.98 3.33
N VAL A 321 -30.49 -0.21 4.01
CA VAL A 321 -31.64 0.42 3.35
C VAL A 321 -31.17 1.46 2.33
N SER A 322 -30.17 2.24 2.68
CA SER A 322 -29.69 3.24 1.73
C SER A 322 -28.97 2.63 0.53
N ASN A 323 -28.55 1.36 0.59
CA ASN A 323 -27.99 0.69 -0.57
C ASN A 323 -29.03 -0.12 -1.33
N SER A 324 -30.29 0.19 -1.12
CA SER A 324 -31.41 -0.48 -1.76
C SER A 324 -32.25 0.52 -2.53
N ASP A 325 -33.33 0.03 -3.11
CA ASP A 325 -34.32 0.88 -3.77
C ASP A 325 -35.33 1.53 -2.80
N ALA A 326 -35.08 1.59 -1.49
CA ALA A 326 -36.07 2.11 -0.55
C ALA A 326 -36.39 3.56 -0.85
N ALA A 327 -37.67 3.83 -1.08
CA ALA A 327 -38.14 5.18 -1.32
C ALA A 327 -39.66 5.16 -1.28
N PHE A 328 -40.23 6.27 -0.83
CA PHE A 328 -41.67 6.45 -0.81
C PHE A 328 -41.96 7.93 -0.89
N SER A 329 -43.19 8.23 -1.32
CA SER A 329 -43.77 9.57 -1.28
C SER A 329 -45.02 9.55 -0.40
N ALA A 330 -45.36 10.71 0.18
CA ALA A 330 -46.49 10.80 1.10
C ALA A 330 -46.90 12.26 1.31
N THR A 331 -47.99 12.45 2.05
CA THR A 331 -48.45 13.77 2.47
C THR A 331 -48.47 13.84 4.00
N THR A 332 -48.16 15.00 4.54
CA THR A 332 -48.15 15.12 5.98
C THR A 332 -49.57 15.18 6.54
N ALA A 333 -49.73 14.75 7.77
CA ALA A 333 -51.00 14.90 8.46
C ALA A 333 -51.19 16.32 8.96
N CYS A 334 -50.10 17.02 9.27
CA CYS A 334 -50.22 18.36 9.83
C CYS A 334 -50.69 19.37 8.77
N CYS A 335 -50.12 19.34 7.56
CA CYS A 335 -50.52 20.35 6.58
C CYS A 335 -50.74 19.81 5.18
N ASN A 336 -50.80 18.50 4.98
CA ASN A 336 -50.97 17.90 3.64
C ASN A 336 -49.97 18.45 2.62
N THR A 337 -48.71 18.48 3.02
CA THR A 337 -47.61 18.74 2.09
C THR A 337 -47.12 17.42 1.51
N TYR A 338 -46.94 17.39 0.20
CA TYR A 338 -46.35 16.23 -0.46
C TYR A 338 -44.84 16.24 -0.33
N PHE A 339 -44.25 15.06 -0.15
CA PHE A 339 -42.80 14.94 -0.06
C PHE A 339 -42.36 13.55 -0.47
N ASN A 340 -41.07 13.40 -0.75
CA ASN A 340 -40.47 12.14 -1.11
C ASN A 340 -39.38 11.83 -0.09
N HIS A 341 -39.12 10.54 0.14
CA HIS A 341 -38.12 10.20 1.14
C HIS A 341 -37.44 8.90 0.74
N THR A 342 -36.12 8.92 0.71
CA THR A 342 -35.38 7.71 0.44
C THR A 342 -34.57 7.38 1.67
N GLY A 343 -34.21 6.11 1.82
CA GLY A 343 -33.49 5.68 3.01
C GLY A 343 -34.42 5.51 4.19
N VAL A 344 -33.81 5.30 5.36
CA VAL A 344 -34.56 5.17 6.59
C VAL A 344 -35.05 6.54 7.05
N ILE A 345 -36.10 6.56 7.87
CA ILE A 345 -36.52 7.77 8.56
C ILE A 345 -35.83 7.82 9.91
N SER A 346 -35.18 8.91 10.18
CA SER A 346 -34.47 9.10 11.44
C SER A 346 -35.39 9.96 12.30
N VAL A 347 -36.20 9.33 13.14
CA VAL A 347 -37.21 10.06 13.92
C VAL A 347 -36.50 10.50 15.19
N ALA A 348 -35.98 11.72 15.16
CA ALA A 348 -35.10 12.17 16.24
C ALA A 348 -35.87 12.48 17.52
N ARG A 349 -37.17 12.70 17.42
CA ARG A 349 -38.00 13.03 18.56
C ARG A 349 -39.40 12.56 18.29
N GLU A 350 -40.09 12.14 19.35
CA GLU A 350 -41.44 11.61 19.27
C GLU A 350 -41.47 10.26 18.58
N TYR A 351 -40.38 9.50 18.70
CA TYR A 351 -40.31 8.20 18.06
C TYR A 351 -41.38 7.29 18.64
N ASP A 352 -42.21 6.74 17.77
CA ASP A 352 -43.33 5.91 18.16
C ASP A 352 -43.24 4.59 17.40
N PRO A 353 -42.90 3.48 18.05
CA PRO A 353 -42.71 2.23 17.30
C PRO A 353 -43.93 1.73 16.54
N ILE A 354 -45.12 2.29 16.71
CA ILE A 354 -46.26 1.87 15.91
C ILE A 354 -46.84 2.96 15.04
N GLN A 355 -46.19 4.17 15.04
CA GLN A 355 -46.65 5.27 14.22
C GLN A 355 -45.43 6.01 13.66
N PRO A 356 -45.03 5.72 12.44
CA PRO A 356 -43.86 6.40 11.86
C PRO A 356 -44.14 7.85 11.54
N LYS A 357 -43.12 8.69 11.71
CA LYS A 357 -43.30 10.13 11.56
C LYS A 357 -42.16 10.74 10.75
N VAL A 358 -42.43 11.90 10.17
CA VAL A 358 -41.39 12.73 9.60
C VAL A 358 -41.48 14.11 10.20
N TYR A 359 -40.42 14.87 10.01
CA TYR A 359 -40.36 16.24 10.47
C TYR A 359 -40.92 17.17 9.41
N CYS A 360 -41.93 17.95 9.77
CA CYS A 360 -42.45 18.98 8.88
C CYS A 360 -41.76 20.29 9.20
N MET A 361 -41.01 20.82 8.23
CA MET A 361 -40.35 22.10 8.44
C MET A 361 -41.34 23.25 8.53
N LYS A 362 -42.45 23.16 7.79
CA LYS A 362 -43.42 24.24 7.78
C LYS A 362 -44.02 24.47 9.17
N CYS A 363 -44.56 23.42 9.79
CA CYS A 363 -45.26 23.49 11.07
C CYS A 363 -44.38 23.21 12.28
N ASP A 364 -43.15 22.75 12.05
CA ASP A 364 -42.22 22.44 13.13
C ASP A 364 -42.83 21.44 14.12
N VAL A 365 -43.19 20.27 13.59
CA VAL A 365 -43.68 19.15 14.40
C VAL A 365 -43.25 17.85 13.74
N TRP A 366 -43.18 16.80 14.55
CA TRP A 366 -43.04 15.43 14.08
C TRP A 366 -44.44 14.88 13.81
N THR A 367 -44.76 14.67 12.53
CA THR A 367 -46.11 14.38 12.06
C THR A 367 -46.22 12.99 11.48
N PRO A 368 -47.37 12.33 11.64
CA PRO A 368 -47.65 11.14 10.82
C PRO A 368 -47.92 11.54 9.37
N PHE A 369 -48.10 10.55 8.50
CA PHE A 369 -48.16 10.85 7.08
C PHE A 369 -48.95 9.77 6.35
N THR A 370 -49.41 10.11 5.15
CA THR A 370 -50.22 9.17 4.39
C THR A 370 -49.46 8.79 3.12
N PRO A 371 -49.03 7.54 2.98
CA PRO A 371 -48.18 7.15 1.84
C PRO A 371 -48.95 7.20 0.53
N GLN A 372 -48.28 7.70 -0.52
CA GLN A 372 -48.83 7.66 -1.87
C GLN A 372 -48.13 6.68 -2.78
N SER A 373 -46.95 6.17 -2.41
CA SER A 373 -46.18 5.24 -3.23
C SER A 373 -45.10 4.61 -2.35
N GLY A 374 -44.44 3.57 -2.89
CA GLY A 374 -43.51 2.78 -2.11
C GLY A 374 -44.18 1.64 -1.36
N LYS A 375 -43.36 0.75 -0.82
CA LYS A 375 -43.86 -0.46 -0.16
C LYS A 375 -43.83 -0.37 1.36
N GLY A 376 -42.93 0.41 1.93
CA GLY A 376 -42.91 0.62 3.36
C GLY A 376 -41.80 1.56 3.73
N ALA A 377 -41.55 1.67 5.04
CA ALA A 377 -40.49 2.55 5.51
C ALA A 377 -39.93 2.00 6.81
N VAL A 378 -38.61 2.12 6.98
CA VAL A 378 -37.93 1.82 8.23
C VAL A 378 -37.76 3.11 9.00
N ALA A 379 -38.04 3.08 10.29
CA ALA A 379 -37.87 4.23 11.16
C ALA A 379 -36.88 3.87 12.25
N ILE A 380 -36.02 4.82 12.61
CA ILE A 380 -35.06 4.60 13.67
C ILE A 380 -35.22 5.69 14.71
N GLY A 381 -35.04 5.29 15.96
CA GLY A 381 -35.15 6.17 17.10
C GLY A 381 -34.99 5.30 18.33
N THR A 382 -35.28 5.84 19.50
CA THR A 382 -35.36 4.99 20.69
C THR A 382 -36.60 5.29 21.50
N SER A 383 -37.39 4.26 21.78
CA SER A 383 -38.48 4.34 22.76
C SER A 383 -38.63 3.04 23.51
N ALA A 384 -39.19 3.14 24.71
CA ALA A 384 -39.47 2.00 25.56
C ALA A 384 -40.77 1.27 25.20
N ASP A 385 -41.56 1.80 24.27
CA ASP A 385 -42.84 1.19 23.97
C ASP A 385 -42.65 -0.11 23.20
N GLU A 386 -43.75 -0.83 23.02
CA GLU A 386 -43.53 -2.12 22.37
C GLU A 386 -43.97 -2.07 20.93
N PRO A 387 -43.23 -2.72 20.04
CA PRO A 387 -43.59 -2.73 18.63
C PRO A 387 -44.60 -3.83 18.32
N THR A 388 -45.33 -3.64 17.23
CA THR A 388 -46.29 -4.62 16.74
C THR A 388 -45.94 -5.15 15.35
N GLY A 389 -44.73 -4.89 14.87
CA GLY A 389 -44.25 -5.45 13.62
C GLY A 389 -42.76 -5.70 13.72
N PRO A 390 -42.11 -6.04 12.61
CA PRO A 390 -40.67 -6.29 12.63
C PRO A 390 -39.89 -5.14 13.23
N ALA A 391 -39.06 -5.43 14.22
CA ALA A 391 -38.36 -4.38 14.96
C ALA A 391 -36.99 -4.88 15.40
N ILE A 392 -36.25 -3.98 16.04
CA ILE A 392 -34.99 -4.33 16.67
C ILE A 392 -35.03 -3.80 18.09
N LYS A 393 -34.66 -4.63 19.05
CA LYS A 393 -34.58 -4.21 20.44
C LYS A 393 -33.12 -4.28 20.89
N PHE A 394 -32.78 -3.36 21.79
CA PHE A 394 -31.43 -3.18 22.29
C PHE A 394 -31.51 -3.02 23.80
N ALA A 395 -30.77 -3.84 24.54
CA ALA A 395 -30.68 -3.68 25.98
C ALA A 395 -29.48 -4.49 26.47
N ALA A 396 -28.79 -3.95 27.46
CA ALA A 396 -27.66 -4.65 28.09
C ALA A 396 -26.62 -5.07 27.06
N ALA A 397 -26.32 -4.17 26.11
CA ALA A 397 -25.30 -4.37 25.07
C ALA A 397 -25.58 -5.59 24.21
N HIS A 398 -26.82 -6.05 24.17
CA HIS A 398 -27.27 -7.08 23.24
C HIS A 398 -28.42 -6.49 22.44
N CYS A 399 -28.55 -6.92 21.18
CA CYS A 399 -29.61 -6.43 20.32
C CYS A 399 -30.08 -7.58 19.45
N TRP A 400 -31.35 -7.54 19.07
CA TRP A 400 -31.90 -8.73 18.45
C TRP A 400 -33.11 -8.35 17.64
N TYR A 401 -33.39 -9.12 16.60
CA TYR A 401 -34.59 -8.91 15.81
C TYR A 401 -35.78 -9.57 16.49
N THR A 402 -36.92 -8.89 16.42
CA THR A 402 -38.17 -9.46 16.88
C THR A 402 -39.25 -9.05 15.90
N ASN A 403 -39.96 -10.04 15.34
CA ASN A 403 -41.22 -9.76 14.69
C ASN A 403 -42.21 -9.29 15.75
N GLY A 404 -43.29 -8.68 15.31
CA GLY A 404 -44.11 -7.90 16.25
C GLY A 404 -44.64 -8.67 17.45
N LYS A 405 -44.74 -10.00 17.35
CA LYS A 405 -45.63 -10.79 18.19
C LYS A 405 -44.84 -11.75 19.08
N LYS A 406 -44.17 -11.22 20.11
CA LYS A 406 -43.03 -11.93 20.68
C LYS A 406 -42.09 -12.28 19.51
N THR A 407 -42.06 -13.54 19.03
CA THR A 407 -41.35 -13.95 17.80
C THR A 407 -39.93 -13.41 17.71
N VAL A 408 -39.08 -13.89 18.63
CA VAL A 408 -37.81 -13.23 18.92
C VAL A 408 -36.63 -14.18 18.63
N ASN A 409 -35.49 -13.60 18.20
CA ASN A 409 -34.23 -14.30 18.03
C ASN A 409 -33.24 -14.11 19.19
N GLY A 410 -33.64 -13.35 20.22
CA GLY A 410 -32.87 -13.11 21.42
C GLY A 410 -33.72 -13.26 22.68
N TYR A 411 -33.69 -12.26 23.56
CA TYR A 411 -34.39 -12.31 24.84
C TYR A 411 -35.83 -11.78 24.72
N ASP A 412 -36.61 -11.92 25.79
CA ASP A 412 -37.94 -11.34 25.86
C ASP A 412 -38.11 -10.60 27.18
N THR A 413 -37.13 -9.77 27.48
CA THR A 413 -37.26 -8.84 28.59
C THR A 413 -37.76 -7.51 28.06
N LYS A 414 -37.86 -6.53 28.95
CA LYS A 414 -38.17 -5.16 28.53
C LYS A 414 -36.90 -4.53 27.97
N ALA A 415 -37.04 -3.94 26.79
CA ALA A 415 -35.89 -3.37 26.11
C ALA A 415 -36.40 -2.25 25.22
N ASN A 416 -35.59 -1.22 25.07
CA ASN A 416 -35.90 -0.20 24.08
C ASN A 416 -35.97 -0.84 22.70
N VAL A 417 -36.85 -0.30 21.87
CA VAL A 417 -36.84 -0.61 20.44
C VAL A 417 -36.07 0.50 19.74
N VAL A 418 -35.23 0.12 18.77
CA VAL A 418 -34.36 1.09 18.09
C VAL A 418 -34.55 1.12 16.58
N ALA A 419 -35.32 0.22 16.01
CA ALA A 419 -35.70 0.35 14.62
C ALA A 419 -36.96 -0.47 14.41
N THR A 420 -37.85 0.01 13.53
CA THR A 420 -39.08 -0.67 13.17
C THR A 420 -39.29 -0.56 11.67
N TYR A 421 -39.90 -1.59 11.09
CA TYR A 421 -40.30 -1.56 9.69
C TYR A 421 -41.82 -1.49 9.60
N HIS A 422 -42.32 -0.54 8.82
CA HIS A 422 -43.74 -0.28 8.66
C HIS A 422 -44.12 -0.53 7.21
N ARG A 423 -44.76 -1.66 6.93
CA ARG A 423 -45.30 -1.87 5.60
C ARG A 423 -46.50 -0.96 5.38
N PHE A 424 -46.79 -0.69 4.11
CA PHE A 424 -47.87 0.23 3.72
C PHE A 424 -49.04 -0.59 3.20
N ASP A 425 -50.00 -0.90 4.09
CA ASP A 425 -51.22 -1.65 3.75
C ASP A 425 -52.28 -1.49 4.84
ZN ZN B . -46.88 20.39 8.36
#